data_6IZF
#
_entry.id   6IZF
#
_cell.length_a   127.381
_cell.length_b   127.381
_cell.length_c   102.167
_cell.angle_alpha   90.000
_cell.angle_beta   90.000
_cell.angle_gamma   120.000
#
_symmetry.space_group_name_H-M   'P 63 2 2'
#
loop_
_entity.id
_entity.type
_entity.pdbx_description
1 polymer 'Trimeric intracellular cation channel type A'
2 non-polymer 'CALCIUM ION'
3 non-polymer 'CHLORIDE ION'
4 non-polymer '(2R)-1-(dodecanoyloxy)-3-hydroxypropan-2-yl (5E,8E,11E)-tetradeca-5,8,11-trienoate'
5 water water
#
_entity_poly.entity_id   1
_entity_poly.type   'polypeptide(L)'
_entity_poly.pdbx_seq_one_letter_code
;MELPGALQLGELAAAFASVPVFPLFDAAYFIVSVLYLKYEPGAVEMSRKSPFASWLCAMLHCFGSYILADLLLGESPIHY
FSNNSSVILATAVWYLIFFCPMNLFYKCVSFLPVKLIFVAMKEVVRVRKIAAGVHHAHHQYHHGWFIMMATGWVKGSGVA
LMSNFEQLLRGVWRPETNEILHMSFPTKASLYGTVLFTLQQTHWLPVSEANLVFFFTMFMIVCKVFMTATHSHASPFAPV
EGFISPVFFGSVSSGHTSHHNQHGHSHEASYQPPPPVKSKEELNEGTRKRKAKKAEAAAENLYFQGLEDYKDDDDKHHHH
HHHHHH
;
_entity_poly.pdbx_strand_id   A
#
loop_
_chem_comp.id
_chem_comp.type
_chem_comp.name
_chem_comp.formula
BQ9 non-polymer '(2R)-1-(dodecanoyloxy)-3-hydroxypropan-2-yl (5E,8E,11E)-tetradeca-5,8,11-trienoate' 'C29 H50 O5'
CA non-polymer 'CALCIUM ION' 'Ca 2'
CL non-polymer 'CHLORIDE ION' 'Cl -1'
#
# COMPACT_ATOMS: atom_id res chain seq x y z
N GLN A 8 16.83 15.81 20.79
CA GLN A 8 15.97 16.48 19.81
C GLN A 8 15.46 15.48 18.78
N LEU A 9 15.64 14.19 19.07
CA LEU A 9 15.17 13.15 18.14
C LEU A 9 13.66 13.21 17.97
N GLY A 10 12.93 13.47 19.06
CA GLY A 10 11.49 13.60 18.96
C GLY A 10 11.05 14.73 18.06
N GLU A 11 11.86 15.79 17.98
CA GLU A 11 11.57 16.87 17.05
C GLU A 11 11.78 16.43 15.62
N LEU A 12 12.81 15.60 15.37
CA LEU A 12 12.99 15.02 14.04
C LEU A 12 11.92 14.00 13.73
N ALA A 13 11.54 13.20 14.72
CA ALA A 13 10.51 12.17 14.50
C ALA A 13 9.15 12.81 14.20
N ALA A 14 8.86 13.94 14.85
CA ALA A 14 7.59 14.62 14.59
C ALA A 14 7.54 15.15 13.16
N ALA A 15 8.65 15.70 12.66
CA ALA A 15 8.68 16.16 11.28
C ALA A 15 8.60 14.99 10.31
N PHE A 16 9.27 13.89 10.62
CA PHE A 16 9.22 12.71 9.76
C PHE A 16 7.81 12.15 9.67
N ALA A 17 7.12 12.06 10.81
CA ALA A 17 5.80 11.42 10.85
C ALA A 17 4.70 12.32 10.31
N SER A 18 5.00 13.57 9.95
CA SER A 18 3.98 14.52 9.51
C SER A 18 4.28 15.08 8.12
N VAL A 19 5.16 14.44 7.35
CA VAL A 19 5.44 14.92 6.00
C VAL A 19 4.19 14.71 5.13
N PRO A 20 3.84 15.66 4.26
CA PRO A 20 2.64 15.50 3.42
C PRO A 20 2.85 14.43 2.38
N VAL A 21 2.07 13.34 2.48
CA VAL A 21 2.24 12.23 1.55
C VAL A 21 1.74 12.60 0.17
N PHE A 22 0.72 13.46 0.08
CA PHE A 22 0.23 13.89 -1.23
C PHE A 22 0.98 15.14 -1.67
N PRO A 23 1.42 15.23 -2.94
CA PRO A 23 1.24 14.20 -3.96
C PRO A 23 2.45 13.30 -4.19
N LEU A 24 3.63 13.70 -3.68
CA LEU A 24 4.87 13.04 -4.07
C LEU A 24 4.95 11.62 -3.54
N PHE A 25 4.68 11.43 -2.25
CA PHE A 25 4.79 10.08 -1.68
C PHE A 25 3.67 9.18 -2.15
N ASP A 26 2.48 9.72 -2.38
CA ASP A 26 1.41 8.92 -2.98
C ASP A 26 1.76 8.52 -4.41
N ALA A 27 2.37 9.43 -5.17
CA ALA A 27 2.79 9.10 -6.53
C ALA A 27 3.80 7.96 -6.53
N ALA A 28 4.76 7.98 -5.59
CA ALA A 28 5.71 6.89 -5.48
C ALA A 28 5.02 5.59 -5.12
N TYR A 29 4.01 5.64 -4.25
CA TYR A 29 3.22 4.45 -3.94
C TYR A 29 2.52 3.92 -5.17
N PHE A 30 1.90 4.82 -5.95
CA PHE A 30 1.20 4.40 -7.16
C PHE A 30 2.17 3.82 -8.19
N ILE A 31 3.34 4.45 -8.35
CA ILE A 31 4.29 4.00 -9.37
C ILE A 31 4.78 2.60 -9.08
N VAL A 32 5.18 2.35 -7.82
CA VAL A 32 5.69 1.03 -7.46
C VAL A 32 4.58 -0.02 -7.57
N SER A 33 3.37 0.33 -7.16
CA SER A 33 2.27 -0.64 -7.20
C SER A 33 1.85 -0.96 -8.63
N VAL A 34 1.81 0.06 -9.50
CA VAL A 34 1.42 -0.21 -10.89
C VAL A 34 2.55 -0.90 -11.64
N LEU A 35 3.82 -0.63 -11.28
CA LEU A 35 4.92 -1.41 -11.83
C LEU A 35 4.77 -2.89 -11.52
N TYR A 36 4.36 -3.21 -10.29
CA TYR A 36 4.13 -4.61 -9.93
C TYR A 36 3.00 -5.20 -10.75
N LEU A 37 1.95 -4.42 -11.01
CA LEU A 37 0.86 -4.90 -11.86
C LEU A 37 1.35 -5.24 -13.26
N LYS A 38 2.22 -4.38 -13.83
CA LYS A 38 2.71 -4.63 -15.17
C LYS A 38 3.58 -5.88 -15.25
N TYR A 39 4.19 -6.27 -14.12
CA TYR A 39 4.98 -7.50 -14.08
C TYR A 39 4.11 -8.75 -14.08
N GLU A 40 2.85 -8.64 -13.69
CA GLU A 40 1.99 -9.81 -13.59
C GLU A 40 1.72 -10.41 -14.96
N PRO A 41 1.48 -11.73 -15.04
CA PRO A 41 1.28 -12.37 -16.34
C PRO A 41 0.07 -11.83 -17.07
N GLY A 42 0.23 -11.57 -18.37
CA GLY A 42 -0.84 -11.08 -19.21
C GLY A 42 -1.27 -9.66 -18.96
N ALA A 43 -0.54 -8.91 -18.12
CA ALA A 43 -0.98 -7.56 -17.79
C ALA A 43 -0.89 -6.62 -18.98
N VAL A 44 0.20 -6.70 -19.75
CA VAL A 44 0.33 -5.83 -20.91
C VAL A 44 -0.73 -6.17 -21.96
N GLU A 45 -0.95 -7.45 -22.22
CA GLU A 45 -2.00 -7.86 -23.15
C GLU A 45 -3.37 -7.40 -22.66
N MET A 46 -3.59 -7.44 -21.35
CA MET A 46 -4.86 -7.00 -20.80
C MET A 46 -5.06 -5.49 -21.00
N SER A 47 -3.98 -4.71 -20.92
CA SER A 47 -4.11 -3.26 -21.12
C SER A 47 -4.50 -2.93 -22.55
N ARG A 48 -4.06 -3.75 -23.49
CA ARG A 48 -4.45 -3.58 -24.88
C ARG A 48 -5.89 -3.98 -25.27
N LYS A 49 -6.34 -5.12 -24.75
CA LYS A 49 -7.61 -5.71 -25.12
C LYS A 49 -8.74 -5.36 -24.17
N SER A 50 -8.44 -5.14 -22.89
CA SER A 50 -9.43 -4.77 -21.89
C SER A 50 -8.89 -3.60 -21.07
N PRO A 51 -8.80 -2.40 -21.67
CA PRO A 51 -8.18 -1.28 -20.95
C PRO A 51 -8.95 -0.85 -19.71
N PHE A 52 -10.28 -0.94 -19.70
CA PHE A 52 -11.01 -0.56 -18.51
C PHE A 52 -10.72 -1.53 -17.36
N ALA A 53 -10.71 -2.83 -17.63
CA ALA A 53 -10.35 -3.79 -16.58
C ALA A 53 -8.91 -3.60 -16.12
N SER A 54 -8.01 -3.20 -17.02
CA SER A 54 -6.64 -2.91 -16.62
C SER A 54 -6.58 -1.70 -15.70
N TRP A 55 -7.34 -0.65 -16.02
CA TRP A 55 -7.38 0.52 -15.16
C TRP A 55 -7.98 0.17 -13.79
N LEU A 56 -9.03 -0.66 -13.78
N LEU A 56 -9.05 -0.62 -13.78
CA LEU A 56 -9.62 -1.07 -12.50
CA LEU A 56 -9.65 -1.04 -12.51
C LEU A 56 -8.63 -1.90 -11.68
C LEU A 56 -8.66 -1.82 -11.67
N CYS A 57 -7.85 -2.75 -12.33
N CYS A 57 -7.86 -2.67 -12.32
CA CYS A 57 -6.81 -3.50 -11.62
CA CYS A 57 -6.87 -3.46 -11.58
C CYS A 57 -5.81 -2.56 -10.97
C CYS A 57 -5.80 -2.57 -10.97
N ALA A 58 -5.41 -1.51 -11.68
CA ALA A 58 -4.45 -0.56 -11.12
C ALA A 58 -5.05 0.20 -9.95
N MET A 59 -6.35 0.49 -9.98
CA MET A 59 -6.99 1.12 -8.85
C MET A 59 -7.01 0.21 -7.64
N LEU A 60 -7.15 -1.10 -7.84
CA LEU A 60 -7.05 -2.04 -6.73
C LEU A 60 -5.66 -2.01 -6.12
N HIS A 61 -4.62 -1.95 -6.95
CA HIS A 61 -3.25 -1.91 -6.45
C HIS A 61 -2.95 -0.59 -5.75
N CYS A 62 -3.58 0.50 -6.19
CA CYS A 62 -3.31 1.81 -5.59
C CYS A 62 -4.16 2.10 -4.37
N PHE A 63 -5.39 1.59 -4.32
CA PHE A 63 -6.31 1.93 -3.23
C PHE A 63 -6.90 0.71 -2.52
N GLY A 64 -6.33 -0.48 -2.73
CA GLY A 64 -6.88 -1.67 -2.10
C GLY A 64 -6.87 -1.61 -0.58
N SER A 65 -5.92 -0.87 -0.02
CA SER A 65 -5.87 -0.71 1.43
C SER A 65 -7.12 -0.02 1.96
N TYR A 66 -7.57 1.03 1.28
CA TYR A 66 -8.76 1.75 1.72
C TYR A 66 -10.03 0.94 1.44
N ILE A 67 -10.05 0.22 0.31
CA ILE A 67 -11.21 -0.61 0.00
C ILE A 67 -11.41 -1.67 1.07
N LEU A 68 -10.32 -2.33 1.47
CA LEU A 68 -10.42 -3.39 2.48
C LEU A 68 -10.76 -2.83 3.85
N ALA A 69 -10.13 -1.71 4.24
CA ALA A 69 -10.41 -1.14 5.55
C ALA A 69 -11.85 -0.67 5.64
N ASP A 70 -12.37 -0.04 4.58
CA ASP A 70 -13.76 0.39 4.59
C ASP A 70 -14.72 -0.79 4.62
N LEU A 71 -14.38 -1.88 3.92
CA LEU A 71 -15.21 -3.08 3.99
C LEU A 71 -15.24 -3.66 5.40
N LEU A 72 -14.08 -3.70 6.06
CA LEU A 72 -14.04 -4.27 7.41
C LEU A 72 -14.83 -3.43 8.39
N LEU A 73 -14.82 -2.10 8.23
CA LEU A 73 -15.51 -1.22 9.17
C LEU A 73 -16.95 -0.92 8.75
N GLY A 74 -17.44 -1.55 7.69
CA GLY A 74 -18.82 -1.33 7.28
C GLY A 74 -19.08 -0.01 6.61
N GLU A 75 -18.06 0.61 6.03
CA GLU A 75 -18.21 1.85 5.28
C GLU A 75 -18.22 1.55 3.79
N SER A 76 -18.52 2.57 3.00
CA SER A 76 -18.51 2.43 1.54
C SER A 76 -17.15 1.95 1.07
N PRO A 77 -17.06 0.80 0.39
CA PRO A 77 -15.75 0.32 -0.07
C PRO A 77 -15.09 1.23 -1.09
N ILE A 78 -15.83 2.12 -1.74
CA ILE A 78 -15.24 3.07 -2.68
C ILE A 78 -15.27 4.49 -2.13
N HIS A 79 -15.35 4.64 -0.81
CA HIS A 79 -15.37 5.97 -0.20
C HIS A 79 -14.14 6.78 -0.58
N TYR A 80 -12.97 6.14 -0.65
CA TYR A 80 -11.75 6.88 -0.95
C TYR A 80 -11.73 7.42 -2.38
N PHE A 81 -12.55 6.86 -3.27
CA PHE A 81 -12.59 7.36 -4.65
C PHE A 81 -13.28 8.70 -4.78
N SER A 82 -13.82 9.25 -3.69
CA SER A 82 -14.28 10.63 -3.70
C SER A 82 -13.10 11.61 -3.73
N ASN A 83 -11.90 11.15 -3.42
CA ASN A 83 -10.70 11.97 -3.50
C ASN A 83 -10.27 12.02 -4.96
N ASN A 84 -10.81 13.00 -5.70
CA ASN A 84 -10.65 13.04 -7.14
C ASN A 84 -9.19 13.19 -7.55
N SER A 85 -8.44 14.04 -6.85
CA SER A 85 -7.06 14.30 -7.23
C SER A 85 -6.20 13.04 -7.10
N SER A 86 -6.44 12.23 -6.07
CA SER A 86 -5.69 10.99 -5.90
C SER A 86 -6.03 9.97 -6.98
N VAL A 87 -7.32 9.86 -7.32
CA VAL A 87 -7.72 8.91 -8.36
C VAL A 87 -7.16 9.32 -9.71
N ILE A 88 -7.16 10.62 -10.00
CA ILE A 88 -6.62 11.09 -11.28
C ILE A 88 -5.12 10.89 -11.33
N LEU A 89 -4.43 11.13 -10.21
CA LEU A 89 -2.98 10.91 -10.18
C LEU A 89 -2.63 9.44 -10.41
N ALA A 90 -3.36 8.53 -9.76
CA ALA A 90 -3.13 7.11 -9.99
C ALA A 90 -3.48 6.72 -11.42
N THR A 91 -4.52 7.35 -11.98
CA THR A 91 -4.88 7.07 -13.37
C THR A 91 -3.79 7.52 -14.32
N ALA A 92 -3.19 8.68 -14.06
CA ALA A 92 -2.09 9.16 -14.90
C ALA A 92 -0.89 8.23 -14.80
N VAL A 93 -0.62 7.71 -13.61
CA VAL A 93 0.49 6.76 -13.43
C VAL A 93 0.24 5.50 -14.22
N TRP A 94 -0.99 4.98 -14.16
CA TRP A 94 -1.35 3.79 -14.92
C TRP A 94 -1.18 4.02 -16.41
N TYR A 95 -1.63 5.17 -16.90
CA TYR A 95 -1.53 5.45 -18.34
C TYR A 95 -0.09 5.57 -18.79
N LEU A 96 0.74 6.27 -18.00
CA LEU A 96 2.14 6.46 -18.39
C LEU A 96 2.92 5.16 -18.36
N ILE A 97 2.62 4.27 -17.41
CA ILE A 97 3.38 3.03 -17.29
C ILE A 97 3.04 2.07 -18.43
N PHE A 98 1.78 2.06 -18.87
CA PHE A 98 1.35 1.11 -19.89
C PHE A 98 1.32 1.67 -21.30
N PHE A 99 1.24 3.00 -21.48
CA PHE A 99 1.00 3.56 -22.80
C PHE A 99 1.92 4.71 -23.19
N CYS A 100 2.92 5.05 -22.38
CA CYS A 100 3.81 6.14 -22.75
C CYS A 100 4.56 5.79 -24.03
N PRO A 101 4.64 6.70 -25.01
CA PRO A 101 5.44 6.41 -26.21
C PRO A 101 6.88 6.08 -25.86
N MET A 102 7.45 5.13 -26.59
CA MET A 102 8.80 4.62 -26.35
C MET A 102 8.93 3.91 -25.00
N ASN A 103 7.81 3.70 -24.30
CA ASN A 103 7.81 3.14 -22.95
C ASN A 103 8.74 3.94 -22.03
N LEU A 104 8.79 5.25 -22.25
CA LEU A 104 9.82 6.08 -21.64
C LEU A 104 9.61 6.23 -20.14
N PHE A 105 8.36 6.42 -19.70
CA PHE A 105 8.10 6.58 -18.27
C PHE A 105 8.50 5.33 -17.49
N TYR A 106 8.21 4.15 -18.05
CA TYR A 106 8.65 2.90 -17.44
C TYR A 106 10.16 2.85 -17.33
N LYS A 107 10.87 3.28 -18.37
CA LYS A 107 12.32 3.22 -18.37
C LYS A 107 12.93 4.10 -17.28
N CYS A 108 12.32 5.27 -17.04
CA CYS A 108 12.86 6.20 -16.06
C CYS A 108 12.64 5.69 -14.64
N VAL A 109 11.41 5.26 -14.32
CA VAL A 109 11.11 4.83 -12.96
C VAL A 109 11.64 3.44 -12.65
N SER A 110 12.03 2.67 -13.66
CA SER A 110 12.65 1.37 -13.44
C SER A 110 14.16 1.46 -13.26
N PHE A 111 14.76 2.60 -13.62
CA PHE A 111 16.17 2.83 -13.35
C PHE A 111 16.44 2.65 -11.86
N LEU A 112 17.32 1.69 -11.55
CA LEU A 112 17.45 1.17 -10.18
C LEU A 112 17.64 2.26 -9.12
N PRO A 113 18.52 3.27 -9.30
CA PRO A 113 18.58 4.33 -8.28
C PRO A 113 17.26 5.05 -8.09
N VAL A 114 16.52 5.30 -9.18
CA VAL A 114 15.22 5.95 -9.05
C VAL A 114 14.20 5.01 -8.44
N LYS A 115 14.26 3.72 -8.80
CA LYS A 115 13.27 2.77 -8.30
C LYS A 115 13.42 2.55 -6.79
N LEU A 116 14.67 2.48 -6.31
CA LEU A 116 14.90 2.29 -4.88
C LEU A 116 14.38 3.47 -4.07
N ILE A 117 14.44 4.68 -4.62
CA ILE A 117 13.90 5.84 -3.92
C ILE A 117 12.38 5.75 -3.84
N PHE A 118 11.72 5.38 -4.94
CA PHE A 118 10.28 5.20 -4.91
C PHE A 118 9.87 4.08 -3.97
N VAL A 119 10.68 3.02 -3.91
CA VAL A 119 10.38 1.91 -3.00
C VAL A 119 10.45 2.38 -1.55
N ALA A 120 11.45 3.19 -1.21
CA ALA A 120 11.54 3.71 0.15
C ALA A 120 10.38 4.65 0.47
N MET A 121 9.98 5.47 -0.51
CA MET A 121 8.87 6.39 -0.28
C MET A 121 7.53 5.67 -0.13
N LYS A 122 7.37 4.53 -0.81
CA LYS A 122 6.15 3.74 -0.63
C LYS A 122 6.05 3.22 0.80
N GLU A 123 7.19 2.83 1.39
CA GLU A 123 7.18 2.34 2.76
C GLU A 123 6.80 3.43 3.75
N VAL A 124 7.18 4.68 3.47
CA VAL A 124 6.71 5.79 4.30
C VAL A 124 5.19 5.85 4.29
N VAL A 125 4.59 5.64 3.11
CA VAL A 125 3.14 5.69 3.00
C VAL A 125 2.49 4.50 3.69
N ARG A 126 3.11 3.32 3.58
CA ARG A 126 2.51 2.11 4.15
C ARG A 126 2.44 2.19 5.67
N VAL A 127 3.51 2.65 6.33
CA VAL A 127 3.51 2.73 7.78
C VAL A 127 2.48 3.75 8.26
N ARG A 128 2.36 4.89 7.56
CA ARG A 128 1.36 5.87 7.92
C ARG A 128 -0.05 5.31 7.78
N LYS A 129 -0.28 4.47 6.77
CA LYS A 129 -1.60 3.89 6.57
C LYS A 129 -1.91 2.86 7.66
N ILE A 130 -0.91 2.11 8.11
CA ILE A 130 -1.11 1.16 9.20
C ILE A 130 -1.54 1.90 10.46
N ALA A 131 -0.77 2.93 10.83
CA ALA A 131 -1.09 3.69 12.03
C ALA A 131 -2.45 4.37 11.92
N ALA A 132 -2.78 4.88 10.73
CA ALA A 132 -4.08 5.52 10.54
C ALA A 132 -5.22 4.52 10.68
N GLY A 133 -5.01 3.28 10.22
CA GLY A 133 -6.05 2.27 10.36
C GLY A 133 -6.30 1.90 11.81
N VAL A 134 -5.24 1.79 12.61
CA VAL A 134 -5.38 1.51 14.03
C VAL A 134 -6.11 2.65 14.73
N HIS A 135 -5.72 3.89 14.42
CA HIS A 135 -6.34 5.04 15.08
C HIS A 135 -7.79 5.20 14.66
N HIS A 136 -8.09 4.93 13.39
CA HIS A 136 -9.46 5.05 12.92
C HIS A 136 -10.36 3.99 13.55
N ALA A 137 -9.87 2.76 13.65
CA ALA A 137 -10.65 1.71 14.31
C ALA A 137 -10.83 2.00 15.79
N HIS A 138 -9.80 2.56 16.43
CA HIS A 138 -9.89 2.90 17.85
C HIS A 138 -10.95 3.97 18.09
N HIS A 139 -11.11 4.90 17.15
CA HIS A 139 -12.09 5.96 17.32
C HIS A 139 -13.50 5.39 17.41
N GLN A 140 -13.77 4.33 16.63
CA GLN A 140 -15.08 3.68 16.62
C GLN A 140 -15.21 2.60 17.70
N TYR A 141 -14.09 2.01 18.14
CA TYR A 141 -14.10 0.98 19.17
C TYR A 141 -12.93 1.25 20.10
N HIS A 142 -13.20 1.90 21.24
CA HIS A 142 -12.12 2.32 22.14
C HIS A 142 -11.32 1.14 22.67
N HIS A 143 -11.96 -0.02 22.85
CA HIS A 143 -11.28 -1.20 23.35
C HIS A 143 -11.35 -2.37 22.36
N GLY A 144 -11.57 -2.08 21.09
CA GLY A 144 -11.66 -3.12 20.08
C GLY A 144 -10.30 -3.51 19.54
N TRP A 145 -9.51 -4.21 20.36
CA TRP A 145 -8.13 -4.53 19.98
C TRP A 145 -8.09 -5.36 18.71
N PHE A 146 -9.01 -6.31 18.55
CA PHE A 146 -8.99 -7.15 17.36
C PHE A 146 -9.45 -6.39 16.13
N ILE A 147 -10.34 -5.41 16.29
CA ILE A 147 -10.74 -4.59 15.15
C ILE A 147 -9.61 -3.63 14.77
N MET A 148 -8.88 -3.11 15.76
CA MET A 148 -7.74 -2.25 15.47
C MET A 148 -6.66 -3.01 14.71
N MET A 149 -6.36 -4.24 15.14
CA MET A 149 -5.32 -5.02 14.47
C MET A 149 -5.76 -5.41 13.06
N ALA A 150 -7.03 -5.76 12.87
CA ALA A 150 -7.52 -6.11 11.55
C ALA A 150 -7.46 -4.93 10.59
N THR A 151 -7.88 -3.75 11.06
CA THR A 151 -7.90 -2.57 10.20
C THR A 151 -6.48 -2.15 9.81
N GLY A 152 -5.58 -2.11 10.78
CA GLY A 152 -4.20 -1.74 10.48
C GLY A 152 -3.51 -2.73 9.57
N TRP A 153 -3.89 -4.01 9.67
CA TRP A 153 -3.27 -5.04 8.84
C TRP A 153 -3.63 -4.85 7.38
N VAL A 154 -4.92 -4.66 7.08
CA VAL A 154 -5.33 -4.52 5.68
C VAL A 154 -4.90 -3.18 5.11
N LYS A 155 -4.77 -2.15 5.97
CA LYS A 155 -4.25 -0.87 5.50
C LYS A 155 -2.80 -1.01 5.03
N GLY A 156 -2.04 -1.89 5.66
CA GLY A 156 -0.65 -2.08 5.29
C GLY A 156 -0.45 -3.09 4.18
N SER A 157 -1.21 -4.18 4.21
CA SER A 157 -1.03 -5.23 3.21
C SER A 157 -1.61 -4.81 1.86
N GLY A 158 -2.77 -4.17 1.88
CA GLY A 158 -3.29 -3.62 0.64
C GLY A 158 -3.89 -4.69 -0.25
N VAL A 159 -3.55 -4.62 -1.54
CA VAL A 159 -4.14 -5.52 -2.51
C VAL A 159 -3.72 -6.97 -2.30
N ALA A 160 -2.64 -7.21 -1.54
CA ALA A 160 -2.15 -8.58 -1.37
C ALA A 160 -3.21 -9.47 -0.72
N LEU A 161 -3.97 -8.93 0.25
CA LEU A 161 -4.98 -9.73 0.91
C LEU A 161 -6.19 -10.00 0.03
N MET A 162 -6.37 -9.26 -1.05
N MET A 162 -6.36 -9.26 -1.06
CA MET A 162 -7.42 -9.56 -2.02
CA MET A 162 -7.40 -9.51 -2.05
C MET A 162 -6.85 -10.13 -3.32
C MET A 162 -6.87 -10.16 -3.32
N SER A 163 -5.67 -10.75 -3.26
CA SER A 163 -5.00 -11.20 -4.48
C SER A 163 -5.81 -12.24 -5.24
N ASN A 164 -6.56 -13.10 -4.54
CA ASN A 164 -7.34 -14.12 -5.23
C ASN A 164 -8.39 -13.49 -6.15
N PHE A 165 -8.91 -12.33 -5.77
CA PHE A 165 -9.95 -11.66 -6.56
C PHE A 165 -9.40 -10.59 -7.49
N GLU A 166 -8.20 -10.07 -7.22
CA GLU A 166 -7.49 -9.32 -8.24
C GLU A 166 -7.14 -10.22 -9.42
N GLN A 167 -6.81 -11.48 -9.14
CA GLN A 167 -6.58 -12.45 -10.20
C GLN A 167 -7.87 -12.78 -10.93
N LEU A 168 -8.98 -12.91 -10.19
CA LEU A 168 -10.25 -13.22 -10.83
C LEU A 168 -10.66 -12.13 -11.82
N LEU A 169 -10.43 -10.86 -11.45
CA LEU A 169 -10.71 -9.76 -12.37
C LEU A 169 -9.90 -9.91 -13.65
N ARG A 170 -8.66 -10.40 -13.55
CA ARG A 170 -7.81 -10.63 -14.70
C ARG A 170 -8.12 -11.93 -15.42
N GLY A 171 -9.13 -12.68 -14.98
CA GLY A 171 -9.42 -13.96 -15.59
C GLY A 171 -8.54 -15.10 -15.10
N VAL A 172 -7.94 -14.97 -13.92
CA VAL A 172 -7.04 -15.97 -13.36
C VAL A 172 -7.65 -16.48 -12.06
N TRP A 173 -7.54 -17.80 -11.83
CA TRP A 173 -8.05 -18.41 -10.61
C TRP A 173 -7.02 -19.42 -10.12
N ARG A 174 -6.39 -19.12 -8.98
CA ARG A 174 -5.42 -20.01 -8.34
C ARG A 174 -5.80 -20.17 -6.88
N PRO A 175 -6.76 -21.04 -6.57
CA PRO A 175 -7.28 -21.13 -5.20
C PRO A 175 -6.38 -21.89 -4.24
N GLU A 176 -5.33 -22.55 -4.72
CA GLU A 176 -4.51 -23.38 -3.85
C GLU A 176 -3.69 -22.57 -2.86
N THR A 177 -3.57 -21.26 -3.05
CA THR A 177 -2.79 -20.43 -2.15
C THR A 177 -3.45 -19.06 -2.01
N ASN A 178 -3.18 -18.42 -0.88
CA ASN A 178 -3.62 -17.06 -0.64
C ASN A 178 -2.66 -16.42 0.36
N GLU A 179 -2.77 -15.10 0.50
CA GLU A 179 -1.82 -14.35 1.32
C GLU A 179 -2.01 -14.55 2.81
N ILE A 180 -3.13 -15.14 3.24
CA ILE A 180 -3.28 -15.49 4.65
C ILE A 180 -2.68 -16.86 4.92
N LEU A 181 -2.92 -17.82 4.02
CA LEU A 181 -2.37 -19.15 4.17
C LEU A 181 -0.85 -19.14 4.03
N HIS A 182 -0.30 -18.26 3.19
CA HIS A 182 1.14 -18.13 2.98
C HIS A 182 1.45 -16.64 2.85
N MET A 183 1.81 -16.01 3.96
CA MET A 183 2.05 -14.57 3.99
C MET A 183 3.39 -14.23 3.32
N SER A 184 3.36 -13.26 2.43
CA SER A 184 4.60 -12.66 1.95
C SER A 184 5.18 -11.76 3.03
N PHE A 185 6.41 -11.28 2.79
CA PHE A 185 7.06 -10.41 3.76
C PHE A 185 6.26 -9.14 4.06
N PRO A 186 5.79 -8.37 3.07
CA PRO A 186 5.01 -7.16 3.40
C PRO A 186 3.74 -7.46 4.17
N THR A 187 3.08 -8.59 3.88
CA THR A 187 1.88 -8.97 4.62
C THR A 187 2.23 -9.31 6.07
N LYS A 188 3.29 -10.10 6.27
CA LYS A 188 3.69 -10.46 7.63
C LYS A 188 4.23 -9.25 8.38
N ALA A 189 4.98 -8.38 7.70
CA ALA A 189 5.52 -7.19 8.35
C ALA A 189 4.39 -6.23 8.74
N SER A 190 3.35 -6.14 7.91
CA SER A 190 2.21 -5.31 8.25
C SER A 190 1.45 -5.87 9.45
N LEU A 191 1.48 -7.20 9.63
CA LEU A 191 0.87 -7.80 10.81
C LEU A 191 1.66 -7.46 12.07
N TYR A 192 2.99 -7.52 12.00
CA TYR A 192 3.80 -7.08 13.13
C TYR A 192 3.61 -5.59 13.39
N GLY A 193 3.48 -4.79 12.33
CA GLY A 193 3.31 -3.37 12.51
C GLY A 193 2.00 -3.00 13.16
N THR A 194 0.91 -3.67 12.77
CA THR A 194 -0.38 -3.32 13.35
C THR A 194 -0.47 -3.76 14.80
N VAL A 195 0.26 -4.80 15.19
CA VAL A 195 0.31 -5.19 16.60
C VAL A 195 1.07 -4.13 17.41
N LEU A 196 2.18 -3.64 16.87
CA LEU A 196 2.95 -2.60 17.56
C LEU A 196 2.15 -1.31 17.71
N PHE A 197 1.48 -0.88 16.65
CA PHE A 197 0.71 0.36 16.73
C PHE A 197 -0.53 0.19 17.60
N THR A 198 -1.12 -1.01 17.62
CA THR A 198 -2.20 -1.26 18.57
C THR A 198 -1.70 -1.22 20.01
N LEU A 199 -0.57 -1.88 20.28
CA LEU A 199 0.02 -1.82 21.61
C LEU A 199 0.35 -0.39 22.02
N GLN A 200 0.84 0.42 21.07
CA GLN A 200 1.08 1.83 21.39
C GLN A 200 -0.23 2.56 21.68
N GLN A 201 -1.30 2.19 20.96
CA GLN A 201 -2.61 2.74 21.24
C GLN A 201 -3.13 2.27 22.60
N THR A 202 -2.80 1.04 23.02
CA THR A 202 -3.21 0.55 24.32
C THR A 202 -2.53 1.29 25.46
N HIS A 203 -1.48 2.04 25.18
CA HIS A 203 -0.56 2.61 26.17
C HIS A 203 0.19 1.56 26.93
N TRP A 204 0.28 0.34 26.38
CA TRP A 204 1.12 -0.70 26.97
C TRP A 204 2.53 -0.71 26.39
N LEU A 205 2.71 -0.15 25.20
CA LEU A 205 4.03 0.00 24.61
C LEU A 205 4.53 1.41 24.92
N PRO A 206 5.45 1.59 25.87
CA PRO A 206 5.84 2.95 26.25
C PRO A 206 6.72 3.64 25.23
N VAL A 207 6.12 4.11 24.14
CA VAL A 207 6.83 4.86 23.11
C VAL A 207 5.86 5.83 22.46
N SER A 208 6.36 7.00 22.07
CA SER A 208 5.52 7.96 21.37
C SER A 208 5.14 7.43 19.99
N GLU A 209 3.99 7.87 19.51
CA GLU A 209 3.53 7.42 18.20
C GLU A 209 4.47 7.90 17.10
N ALA A 210 5.09 9.07 17.27
CA ALA A 210 6.01 9.56 16.25
C ALA A 210 7.28 8.75 16.19
N ASN A 211 7.80 8.32 17.35
CA ASN A 211 9.02 7.51 17.37
C ASN A 211 8.76 6.13 16.80
N LEU A 212 7.60 5.54 17.08
CA LEU A 212 7.26 4.24 16.51
C LEU A 212 7.13 4.32 15.00
N VAL A 213 6.53 5.40 14.49
CA VAL A 213 6.43 5.59 13.05
C VAL A 213 7.82 5.70 12.43
N PHE A 214 8.72 6.44 13.09
CA PHE A 214 10.06 6.65 12.53
C PHE A 214 10.85 5.35 12.49
N PHE A 215 10.86 4.60 13.60
CA PHE A 215 11.69 3.41 13.66
C PHE A 215 11.12 2.25 12.87
N PHE A 216 9.80 2.11 12.80
CA PHE A 216 9.23 1.04 11.98
C PHE A 216 9.31 1.36 10.50
N THR A 217 9.24 2.65 10.13
CA THR A 217 9.43 3.01 8.73
C THR A 217 10.86 2.73 8.28
N MET A 218 11.85 3.05 9.13
CA MET A 218 13.24 2.77 8.78
C MET A 218 13.46 1.28 8.65
N PHE A 219 12.80 0.48 9.48
CA PHE A 219 12.88 -0.97 9.34
C PHE A 219 12.33 -1.43 7.99
N MET A 220 11.18 -0.88 7.60
CA MET A 220 10.57 -1.27 6.33
C MET A 220 11.38 -0.76 5.15
N ILE A 221 11.94 0.44 5.27
CA ILE A 221 12.75 1.00 4.18
C ILE A 221 13.99 0.15 3.94
N VAL A 222 14.70 -0.20 5.01
CA VAL A 222 15.92 -0.98 4.86
C VAL A 222 15.62 -2.35 4.29
N CYS A 223 14.54 -2.98 4.75
CA CYS A 223 14.20 -4.33 4.27
C CYS A 223 13.82 -4.30 2.81
N LYS A 224 12.93 -3.37 2.42
CA LYS A 224 12.42 -3.36 1.06
C LYS A 224 13.47 -2.89 0.06
N VAL A 225 14.27 -1.88 0.43
CA VAL A 225 15.34 -1.44 -0.47
C VAL A 225 16.36 -2.55 -0.67
N PHE A 226 16.70 -3.28 0.40
CA PHE A 226 17.61 -4.41 0.28
C PHE A 226 17.02 -5.51 -0.60
N MET A 227 15.74 -5.80 -0.42
CA MET A 227 15.09 -6.85 -1.20
C MET A 227 14.99 -6.46 -2.67
N THR A 228 14.70 -5.19 -2.96
CA THR A 228 14.59 -4.74 -4.35
C THR A 228 15.95 -4.72 -5.02
N ALA A 229 16.99 -4.27 -4.31
CA ALA A 229 18.31 -4.18 -4.91
C ALA A 229 18.94 -5.55 -5.14
N THR A 230 18.52 -6.56 -4.36
CA THR A 230 19.07 -7.90 -4.52
C THR A 230 18.54 -8.56 -5.79
N HIS A 231 17.24 -8.48 -6.02
CA HIS A 231 16.63 -9.13 -7.18
C HIS A 231 16.30 -8.11 -8.26
CA CA B . -22.54 0.30 6.34
CL CL C . -16.77 2.72 24.85
CL CL D . -8.12 3.93 7.82
CL CL E . -1.17 -14.29 -11.48
CL CL F . -12.40 -1.99 -22.05
CL CL G . -4.47 6.41 5.67
C10 BQ9 H . -7.37 -10.64 10.48
C11 BQ9 H . -10.44 -10.91 12.84
C12 BQ9 H . -8.30 -9.67 9.70
C13 BQ9 H . -8.93 -10.45 8.54
C14 BQ9 H . -9.01 -9.55 7.27
C15 BQ9 H . -9.05 -10.44 6.00
C16 BQ9 H . -9.40 -9.91 4.82
C17 BQ9 H . -9.45 -10.81 3.56
C18 BQ9 H . -10.78 -10.60 2.80
C19 BQ9 H . -10.79 -10.45 1.46
C20 BQ9 H . -12.14 -10.24 0.72
C21 BQ9 H . -11.91 -9.37 -0.55
C22 BQ9 H . -12.96 -8.92 -1.26
C23 BQ9 H . -12.74 -8.05 -2.52
C24 BQ9 H . -13.69 -8.51 -3.66
C31 BQ9 H . -11.56 -11.79 12.25
C32 BQ9 H . -11.80 -11.43 10.77
C33 BQ9 H . -12.91 -12.35 10.21
C34 BQ9 H . -12.90 -12.31 8.67
C35 BQ9 H . -13.52 -10.97 8.19
C36 BQ9 H . -14.33 -11.23 6.89
C37 BQ9 H . -14.93 -9.90 6.41
C38 BQ9 H . -15.66 -10.15 5.07
C39 BQ9 H . -15.32 -9.04 4.07
C40 BQ9 H . -15.90 -9.44 2.69
C41 BQ9 H . -17.05 -8.47 2.32
C7 BQ9 H . -6.15 -9.18 13.64
C8 BQ9 H . -7.25 -9.64 12.67
C9 BQ9 H . -8.16 -10.60 13.46
O13 BQ9 H . -5.46 -10.32 14.13
O16 BQ9 H . -6.61 -10.26 11.60
O17 BQ9 H . -7.31 -11.77 10.12
O18 BQ9 H . -9.09 -11.27 12.63
O19 BQ9 H . -10.71 -9.95 13.49
#